data_5XPW
#
_entry.id   5XPW
#
_cell.length_a   41.755
_cell.length_b   41.755
_cell.length_c   213.719
_cell.angle_alpha   90.00
_cell.angle_beta   90.00
_cell.angle_gamma   120.00
#
_symmetry.space_group_name_H-M   'P 31 2 1'
#
loop_
_entity.id
_entity.type
_entity.pdbx_description
1 polymer 'amphioxus IgVJ-C2'
2 water water
#
_entity_poly.entity_id   1
_entity_poly.type   'polypeptide(L)'
_entity_poly.pdbx_seq_one_letter_code
;VSHQQGQSHLFECDYPISADTYVINWYKDGTSVMNYLSGGEPAFTEDLDDRTDVQFVNNRNLEITNLRVSDEGEYYCSVI
EIGAGGQSGDGTRYQLVVFVPPTITLMGGPYEVEVGEMMMSTCRANSHPPSNFTWTLPNGNVTQGAVLEITNMTQAEIGT
YMCTADNGYGTDYESVDITM
;
_entity_poly.pdbx_strand_id   A
#
# COMPACT_ATOMS: atom_id res chain seq x y z
N VAL A 1 3.54 1.40 10.24
CA VAL A 1 4.89 1.55 9.69
C VAL A 1 4.85 1.32 8.19
N SER A 2 5.50 2.21 7.44
CA SER A 2 5.35 2.20 6.00
C SER A 2 6.66 2.01 5.22
N HIS A 3 6.55 1.33 4.08
CA HIS A 3 7.67 1.11 3.18
C HIS A 3 7.13 1.11 1.76
N GLN A 4 8.02 1.24 0.79
CA GLN A 4 7.64 1.07 -0.61
C GLN A 4 7.90 -0.37 -1.02
N GLN A 5 7.31 -0.78 -2.13
CA GLN A 5 7.49 -2.14 -2.63
C GLN A 5 8.96 -2.47 -2.87
N GLY A 6 9.36 -3.69 -2.53
CA GLY A 6 10.73 -4.14 -2.77
C GLY A 6 11.61 -3.92 -1.56
N GLN A 7 11.17 -3.08 -0.64
CA GLN A 7 11.93 -2.84 0.58
C GLN A 7 11.66 -3.94 1.60
N SER A 8 12.41 -3.96 2.68
CA SER A 8 12.24 -4.98 3.73
C SER A 8 11.49 -4.41 4.93
N HIS A 9 10.90 -5.30 5.72
CA HIS A 9 10.49 -4.96 7.07
C HIS A 9 10.68 -6.12 8.05
N LEU A 10 11.24 -5.80 9.22
CA LEU A 10 11.40 -6.80 10.26
C LEU A 10 10.48 -6.51 11.45
N PHE A 11 9.59 -7.46 11.75
CA PHE A 11 8.69 -7.36 12.90
C PHE A 11 9.35 -8.00 14.10
N GLU A 12 9.37 -7.31 15.23
CA GLU A 12 9.99 -7.87 16.43
C GLU A 12 9.00 -8.64 17.27
N CYS A 13 9.37 -9.86 17.66
CA CYS A 13 8.62 -10.57 18.68
C CYS A 13 9.19 -10.12 20.01
N ASP A 14 8.45 -9.26 20.71
CA ASP A 14 8.95 -8.67 21.96
C ASP A 14 8.34 -9.28 23.21
N TYR A 15 7.79 -10.49 23.10
CA TYR A 15 7.35 -11.24 24.27
C TYR A 15 8.57 -11.83 24.98
N PRO A 16 8.68 -11.60 26.29
CA PRO A 16 9.81 -12.10 27.09
C PRO A 16 9.80 -13.63 27.21
N ILE A 17 10.58 -14.30 26.36
CA ILE A 17 10.71 -15.75 26.44
C ILE A 17 11.76 -16.15 27.46
N SER A 18 11.41 -17.08 28.35
CA SER A 18 12.32 -17.50 29.40
C SER A 18 12.44 -19.01 29.52
N ALA A 19 11.79 -19.74 28.62
CA ALA A 19 11.84 -21.19 28.65
C ALA A 19 12.84 -21.72 27.64
N ASP A 20 13.41 -22.89 27.94
CA ASP A 20 14.38 -23.52 27.04
C ASP A 20 13.69 -24.03 25.78
N THR A 21 12.44 -24.47 25.93
CA THR A 21 11.66 -24.98 24.82
C THR A 21 10.43 -24.11 24.64
N TYR A 22 10.14 -23.73 23.40
CA TYR A 22 9.01 -22.85 23.14
C TYR A 22 8.58 -22.91 21.69
N VAL A 23 7.38 -22.41 21.44
CA VAL A 23 6.85 -22.33 20.09
C VAL A 23 6.52 -20.88 19.80
N ILE A 24 6.86 -20.44 18.59
CA ILE A 24 6.51 -19.09 18.16
C ILE A 24 5.65 -19.17 16.91
N ASN A 25 4.58 -18.37 16.89
CA ASN A 25 3.78 -18.19 15.69
C ASN A 25 3.74 -16.73 15.34
N TRP A 26 3.77 -16.43 14.04
CA TRP A 26 3.50 -15.07 13.57
C TRP A 26 2.15 -15.06 12.86
N TYR A 27 1.35 -14.05 13.20
CA TYR A 27 0.02 -13.92 12.63
C TYR A 27 -0.09 -12.71 11.71
N LYS A 28 -0.83 -12.88 10.63
CA LYS A 28 -1.20 -11.78 9.75
C LYS A 28 -2.73 -11.71 9.73
N ASP A 29 -3.27 -10.57 10.17
CA ASP A 29 -4.71 -10.39 10.27
C ASP A 29 -5.42 -11.57 10.95
N GLY A 30 -4.74 -12.18 11.92
CA GLY A 30 -5.34 -13.25 12.70
C GLY A 30 -5.06 -14.66 12.22
N THR A 31 -4.44 -14.79 11.05
CA THR A 31 -4.10 -16.09 10.50
C THR A 31 -2.59 -16.36 10.58
N SER A 32 -2.22 -17.56 11.00
CA SER A 32 -0.82 -17.90 11.19
C SER A 32 -0.08 -17.99 9.84
N VAL A 33 1.01 -17.24 9.72
CA VAL A 33 1.83 -17.27 8.51
C VAL A 33 3.22 -17.88 8.74
N MET A 34 3.49 -18.29 9.97
CA MET A 34 4.74 -18.97 10.31
C MET A 34 4.59 -19.67 11.66
N ASN A 35 5.12 -20.88 11.75
CA ASN A 35 5.22 -21.56 13.03
C ASN A 35 6.64 -22.06 13.26
N TYR A 36 7.08 -22.06 14.52
CA TYR A 36 8.44 -22.48 14.84
C TYR A 36 8.53 -23.13 16.21
N LEU A 37 9.10 -24.33 16.25
CA LEU A 37 9.41 -25.00 17.50
C LEU A 37 10.89 -24.84 17.79
N SER A 38 11.22 -24.32 18.97
CA SER A 38 12.60 -24.12 19.37
C SER A 38 13.46 -25.34 19.03
N GLY A 39 14.56 -25.10 18.31
CA GLY A 39 15.46 -26.17 17.92
C GLY A 39 15.13 -26.78 16.58
N GLY A 40 13.96 -26.45 16.05
CA GLY A 40 13.53 -26.96 14.76
C GLY A 40 13.77 -25.98 13.64
N GLU A 41 12.93 -26.03 12.61
CA GLU A 41 13.01 -25.10 11.49
C GLU A 41 11.71 -24.32 11.37
N PRO A 42 11.80 -23.03 11.02
CA PRO A 42 10.58 -22.25 10.79
C PRO A 42 9.83 -22.77 9.56
N ALA A 43 8.51 -22.85 9.65
CA ALA A 43 7.70 -23.20 8.49
C ALA A 43 6.72 -22.07 8.17
N PHE A 44 6.80 -21.55 6.96
CA PHE A 44 5.99 -20.42 6.55
C PHE A 44 4.72 -20.91 5.86
N THR A 45 3.59 -20.30 6.19
CA THR A 45 2.30 -20.80 5.73
C THR A 45 1.39 -19.70 5.21
N GLU A 46 0.28 -20.10 4.60
CA GLU A 46 -0.70 -19.16 4.08
C GLU A 46 -0.04 -18.17 3.11
N ASP A 47 -0.22 -16.88 3.36
CA ASP A 47 0.29 -15.82 2.48
C ASP A 47 1.82 -15.87 2.32
N LEU A 48 2.49 -16.42 3.33
CA LEU A 48 3.94 -16.46 3.33
C LEU A 48 4.48 -17.79 2.78
N ASP A 49 3.57 -18.70 2.45
CA ASP A 49 3.93 -19.94 1.78
C ASP A 49 4.51 -19.63 0.40
N ASP A 50 5.56 -20.34 0.03
CA ASP A 50 6.15 -20.21 -1.31
C ASP A 50 6.78 -18.84 -1.58
N ARG A 51 7.16 -18.14 -0.52
CA ARG A 51 7.91 -16.90 -0.65
C ARG A 51 9.36 -17.16 -0.28
N THR A 52 10.27 -16.79 -1.17
CA THR A 52 11.70 -16.99 -0.91
C THR A 52 12.31 -15.78 -0.20
N ASP A 53 11.53 -14.71 -0.11
CA ASP A 53 12.02 -13.46 0.48
C ASP A 53 11.63 -13.30 1.96
N VAL A 54 11.35 -14.41 2.63
CA VAL A 54 11.00 -14.35 4.04
C VAL A 54 12.10 -14.97 4.91
N GLN A 55 12.33 -14.36 6.07
CA GLN A 55 13.36 -14.84 6.99
C GLN A 55 12.87 -14.84 8.43
N PHE A 56 13.36 -15.81 9.19
CA PHE A 56 13.11 -15.88 10.62
C PHE A 56 14.45 -15.61 11.29
N VAL A 57 14.57 -14.44 11.90
CA VAL A 57 15.86 -14.01 12.41
C VAL A 57 15.91 -14.02 13.93
N ASN A 58 17.07 -14.42 14.46
CA ASN A 58 17.30 -14.48 15.91
C ASN A 58 16.30 -15.37 16.65
N ASN A 59 15.77 -16.39 15.97
CA ASN A 59 14.80 -17.30 16.57
C ASN A 59 13.59 -16.57 17.16
N ARG A 60 13.30 -15.38 16.65
CA ARG A 60 12.25 -14.54 17.22
C ARG A 60 11.44 -13.81 16.14
N ASN A 61 12.16 -13.06 15.30
CA ASN A 61 11.55 -12.03 14.47
C ASN A 61 11.25 -12.42 13.04
N LEU A 62 10.14 -11.90 12.51
CA LEU A 62 9.74 -12.14 11.14
C LEU A 62 10.24 -11.05 10.19
N GLU A 63 10.87 -11.44 9.09
CA GLU A 63 11.32 -10.48 8.09
C GLU A 63 10.81 -10.80 6.69
N ILE A 64 10.30 -9.77 6.01
CA ILE A 64 9.92 -9.87 4.62
C ILE A 64 10.82 -8.92 3.83
N THR A 65 11.63 -9.44 2.92
CA THR A 65 12.68 -8.64 2.30
C THR A 65 12.30 -8.09 0.92
N ASN A 66 11.14 -8.47 0.40
CA ASN A 66 10.65 -7.98 -0.88
C ASN A 66 9.17 -7.65 -0.75
N LEU A 67 8.87 -6.57 -0.04
CA LEU A 67 7.50 -6.22 0.30
C LEU A 67 6.60 -6.04 -0.91
N ARG A 68 5.38 -6.56 -0.80
CA ARG A 68 4.35 -6.38 -1.81
C ARG A 68 3.20 -5.64 -1.15
N VAL A 69 2.36 -4.99 -1.96
CA VAL A 69 1.17 -4.35 -1.41
C VAL A 69 0.33 -5.38 -0.65
N SER A 70 0.28 -6.60 -1.17
CA SER A 70 -0.54 -7.65 -0.57
C SER A 70 -0.05 -8.06 0.82
N ASP A 71 1.16 -7.64 1.18
CA ASP A 71 1.72 -7.94 2.50
C ASP A 71 1.14 -7.05 3.59
N GLU A 72 0.50 -5.95 3.21
CA GLU A 72 -0.17 -5.08 4.17
C GLU A 72 -1.04 -5.89 5.12
N GLY A 73 -1.15 -5.42 6.36
CA GLY A 73 -1.97 -6.07 7.36
C GLY A 73 -1.40 -5.92 8.76
N GLU A 74 -2.08 -6.53 9.74
CA GLU A 74 -1.63 -6.45 11.12
C GLU A 74 -0.83 -7.70 11.50
N TYR A 75 0.35 -7.48 12.07
CA TYR A 75 1.24 -8.58 12.41
C TYR A 75 1.53 -8.60 13.90
N TYR A 76 1.59 -9.79 14.47
CA TYR A 76 2.02 -9.95 15.85
C TYR A 76 2.46 -11.40 16.06
N CYS A 77 3.34 -11.62 17.04
CA CYS A 77 3.74 -12.97 17.37
C CYS A 77 3.02 -13.48 18.62
N SER A 78 2.82 -14.81 18.68
N SER A 78 2.81 -14.80 18.66
CA SER A 78 2.32 -15.44 19.89
CA SER A 78 2.33 -15.47 19.86
C SER A 78 3.33 -16.49 20.36
C SER A 78 3.42 -16.42 20.35
N VAL A 79 3.62 -16.46 21.66
CA VAL A 79 4.65 -17.34 22.22
C VAL A 79 4.05 -18.32 23.23
N ILE A 80 4.41 -19.60 23.07
CA ILE A 80 3.99 -20.63 23.99
C ILE A 80 5.21 -21.33 24.59
N GLU A 81 5.43 -21.11 25.89
CA GLU A 81 6.50 -21.79 26.60
C GLU A 81 6.11 -23.22 26.98
N ILE A 82 7.02 -24.16 26.73
CA ILE A 82 6.78 -25.57 27.01
C ILE A 82 7.45 -25.99 28.32
N GLY A 83 6.73 -26.75 29.14
CA GLY A 83 7.28 -27.24 30.38
C GLY A 83 6.75 -26.55 31.62
N ALA A 84 7.29 -26.94 32.77
CA ALA A 84 6.83 -26.43 34.06
C ALA A 84 6.89 -24.92 34.13
N GLY A 85 5.85 -24.32 34.68
CA GLY A 85 5.79 -22.87 34.85
C GLY A 85 5.70 -22.12 33.54
N GLY A 86 5.59 -22.84 32.44
CA GLY A 86 5.55 -22.24 31.11
C GLY A 86 4.35 -21.32 30.90
N GLN A 87 4.61 -20.16 30.30
CA GLN A 87 3.58 -19.16 30.06
C GLN A 87 3.32 -18.98 28.58
N SER A 88 2.32 -18.18 28.26
CA SER A 88 2.03 -17.86 26.86
C SER A 88 1.49 -16.43 26.78
N GLY A 89 1.76 -15.78 25.65
CA GLY A 89 1.32 -14.41 25.44
C GLY A 89 1.67 -13.90 24.05
N ASP A 90 1.24 -12.68 23.75
CA ASP A 90 1.45 -12.09 22.44
C ASP A 90 2.46 -10.95 22.48
N GLY A 91 3.20 -10.79 21.38
CA GLY A 91 4.05 -9.63 21.23
C GLY A 91 3.22 -8.44 20.80
N THR A 92 3.88 -7.30 20.60
CA THR A 92 3.21 -6.09 20.16
C THR A 92 2.60 -6.27 18.77
N ARG A 93 1.43 -5.66 18.55
CA ARG A 93 0.80 -5.69 17.24
C ARG A 93 1.30 -4.54 16.37
N TYR A 94 1.63 -4.86 15.12
CA TYR A 94 2.15 -3.86 14.18
C TYR A 94 1.25 -3.78 12.96
N GLN A 95 1.07 -2.57 12.44
CA GLN A 95 0.30 -2.38 11.23
C GLN A 95 1.23 -1.98 10.09
N LEU A 96 1.40 -2.86 9.12
CA LEU A 96 2.32 -2.64 8.00
C LEU A 96 1.61 -1.99 6.83
N VAL A 97 2.17 -0.88 6.36
CA VAL A 97 1.67 -0.20 5.18
C VAL A 97 2.72 -0.29 4.08
N VAL A 98 2.32 -0.79 2.92
CA VAL A 98 3.21 -0.82 1.75
C VAL A 98 2.62 0.10 0.68
N PHE A 99 3.20 1.29 0.54
CA PHE A 99 2.62 2.29 -0.34
C PHE A 99 3.29 2.37 -1.71
N VAL A 100 2.52 2.83 -2.69
CA VAL A 100 3.02 3.13 -4.02
C VAL A 100 2.58 4.56 -4.33
N PRO A 101 3.55 5.44 -4.60
CA PRO A 101 3.25 6.84 -4.96
C PRO A 101 2.48 6.89 -6.28
N PRO A 102 1.64 7.92 -6.45
CA PRO A 102 0.78 8.00 -7.64
C PRO A 102 1.57 8.27 -8.92
N THR A 103 1.27 7.52 -9.97
CA THR A 103 1.72 7.85 -11.32
C THR A 103 0.48 7.93 -12.21
N ILE A 104 0.27 9.10 -12.80
CA ILE A 104 -0.96 9.41 -13.54
C ILE A 104 -0.96 8.88 -14.97
N THR A 105 -2.13 8.44 -15.42
CA THR A 105 -2.39 8.19 -16.83
C THR A 105 -3.72 8.84 -17.20
N LEU A 106 -3.79 9.45 -18.37
CA LEU A 106 -5.00 10.17 -18.81
C LEU A 106 -5.78 9.46 -19.92
N MET A 107 -7.11 9.42 -19.76
CA MET A 107 -8.00 8.78 -20.73
C MET A 107 -9.16 9.70 -21.11
N GLY A 108 -9.26 10.06 -22.38
CA GLY A 108 -10.39 10.85 -22.84
C GLY A 108 -10.10 11.69 -24.07
N GLY A 109 -10.89 12.75 -24.24
CA GLY A 109 -10.81 13.62 -25.40
C GLY A 109 -12.19 14.03 -25.86
N PRO A 110 -12.28 14.72 -27.02
CA PRO A 110 -11.14 15.18 -27.80
C PRO A 110 -10.48 16.37 -27.11
N TYR A 111 -9.21 16.62 -27.40
CA TYR A 111 -8.53 17.78 -26.84
C TYR A 111 -8.51 18.94 -27.83
N GLU A 112 -8.92 18.65 -29.06
CA GLU A 112 -9.25 19.69 -30.03
C GLU A 112 -10.76 19.63 -30.22
N VAL A 113 -11.46 20.68 -29.79
CA VAL A 113 -12.92 20.62 -29.73
C VAL A 113 -13.57 21.66 -30.64
N GLU A 114 -14.60 21.22 -31.37
CA GLU A 114 -15.40 22.13 -32.18
C GLU A 114 -16.20 23.04 -31.26
N VAL A 115 -16.44 24.27 -31.70
CA VAL A 115 -17.30 25.16 -30.93
C VAL A 115 -18.66 24.49 -30.72
N GLY A 116 -19.16 24.54 -29.49
CA GLY A 116 -20.46 23.99 -29.18
C GLY A 116 -20.48 22.49 -28.96
N GLU A 117 -19.33 21.83 -29.10
CA GLU A 117 -19.26 20.40 -28.86
C GLU A 117 -18.62 20.12 -27.49
N MET A 118 -18.52 18.85 -27.11
CA MET A 118 -18.09 18.50 -25.77
C MET A 118 -16.85 17.59 -25.73
N MET A 119 -16.22 17.55 -24.56
CA MET A 119 -15.11 16.64 -24.31
C MET A 119 -15.20 16.13 -22.87
N MET A 120 -14.53 15.01 -22.62
CA MET A 120 -14.43 14.45 -21.28
C MET A 120 -13.02 13.87 -21.11
N SER A 121 -12.46 14.00 -19.92
CA SER A 121 -11.16 13.40 -19.63
C SER A 121 -11.19 12.78 -18.23
N THR A 122 -10.74 11.55 -18.13
CA THR A 122 -10.72 10.86 -16.84
C THR A 122 -9.28 10.69 -16.38
N CYS A 123 -8.96 11.32 -15.25
CA CYS A 123 -7.63 11.18 -14.69
C CYS A 123 -7.56 9.91 -13.85
N ARG A 124 -6.54 9.11 -14.09
CA ARG A 124 -6.33 7.89 -13.32
C ARG A 124 -4.89 7.85 -12.78
N ALA A 125 -4.65 7.00 -11.80
CA ALA A 125 -3.31 6.86 -11.24
C ALA A 125 -3.07 5.48 -10.65
N ASN A 126 -1.93 4.89 -11.01
CA ASN A 126 -1.44 3.72 -10.30
C ASN A 126 -0.90 4.17 -8.96
N SER A 127 -1.49 3.66 -7.88
CA SER A 127 -1.02 4.01 -6.55
C SER A 127 -1.63 3.11 -5.47
N HIS A 128 -1.07 3.20 -4.28
CA HIS A 128 -1.62 2.54 -3.11
C HIS A 128 -1.19 3.26 -1.86
N PRO A 129 -2.17 3.75 -1.06
CA PRO A 129 -3.62 3.60 -1.29
C PRO A 129 -4.06 4.29 -2.57
N PRO A 130 -5.31 4.04 -3.01
CA PRO A 130 -5.90 4.74 -4.15
C PRO A 130 -5.84 6.26 -3.94
N SER A 131 -5.69 7.02 -5.02
CA SER A 131 -5.49 8.47 -4.91
C SER A 131 -6.80 9.26 -4.91
N ASN A 132 -6.72 10.48 -4.39
CA ASN A 132 -7.77 11.47 -4.57
C ASN A 132 -7.38 12.40 -5.71
N PHE A 133 -8.35 12.80 -6.52
CA PHE A 133 -8.08 13.55 -7.74
C PHE A 133 -8.71 14.94 -7.75
N THR A 134 -8.04 15.87 -8.42
CA THR A 134 -8.64 17.15 -8.75
C THR A 134 -8.21 17.56 -10.15
N TRP A 135 -9.01 18.40 -10.80
CA TRP A 135 -8.61 19.05 -12.03
C TRP A 135 -8.49 20.53 -11.75
N THR A 136 -7.44 21.16 -12.26
CA THR A 136 -7.28 22.60 -12.17
C THR A 136 -7.49 23.20 -13.55
N LEU A 137 -8.47 24.09 -13.66
CA LEU A 137 -8.85 24.70 -14.93
C LEU A 137 -7.92 25.87 -15.26
N PRO A 138 -7.92 26.33 -16.53
CA PRO A 138 -7.01 27.41 -16.90
C PRO A 138 -7.16 28.66 -16.03
N ASN A 139 -8.31 28.82 -15.38
CA ASN A 139 -8.53 29.98 -14.51
C ASN A 139 -8.07 29.77 -13.07
N GLY A 140 -7.45 28.61 -12.82
CA GLY A 140 -6.94 28.30 -11.48
C GLY A 140 -7.94 27.55 -10.62
N ASN A 141 -9.22 27.60 -10.98
CA ASN A 141 -10.26 26.93 -10.23
C ASN A 141 -10.01 25.43 -10.10
N VAL A 142 -10.08 24.93 -8.87
CA VAL A 142 -9.86 23.51 -8.61
C VAL A 142 -11.18 22.73 -8.50
N THR A 143 -11.35 21.74 -9.37
CA THR A 143 -12.51 20.88 -9.35
C THR A 143 -12.16 19.56 -8.67
N GLN A 144 -13.05 19.08 -7.80
CA GLN A 144 -12.79 17.81 -7.13
C GLN A 144 -13.31 16.66 -8.00
N GLY A 145 -12.54 15.58 -8.07
CA GLY A 145 -12.95 14.42 -8.82
C GLY A 145 -12.04 14.12 -10.00
N ALA A 146 -12.06 12.88 -10.45
CA ALA A 146 -11.16 12.41 -11.50
C ALA A 146 -11.62 12.81 -12.91
N VAL A 147 -12.88 13.19 -13.04
CA VAL A 147 -13.47 13.43 -14.35
C VAL A 147 -13.54 14.91 -14.70
N LEU A 148 -12.95 15.26 -15.85
CA LEU A 148 -13.05 16.61 -16.40
C LEU A 148 -14.09 16.63 -17.51
N GLU A 149 -14.99 17.62 -17.48
CA GLU A 149 -16.08 17.65 -18.44
C GLU A 149 -16.35 19.06 -18.97
N ILE A 150 -16.28 19.20 -20.30
CA ILE A 150 -16.62 20.44 -20.97
C ILE A 150 -17.80 20.17 -21.90
N THR A 151 -18.89 20.88 -21.69
CA THR A 151 -20.13 20.70 -22.44
C THR A 151 -20.45 21.63 -23.57
N ASN A 152 -19.92 22.84 -23.57
CA ASN A 152 -20.23 23.80 -24.60
C ASN A 152 -18.98 24.59 -24.85
N MET A 153 -18.06 24.02 -25.58
CA MET A 153 -16.79 24.63 -25.82
C MET A 153 -16.78 26.11 -26.29
N THR A 154 -16.12 27.04 -25.56
CA THR A 154 -16.08 28.41 -26.05
C THR A 154 -14.63 28.84 -26.04
N GLN A 155 -14.35 30.00 -26.63
CA GLN A 155 -13.00 30.56 -26.56
C GLN A 155 -12.55 30.66 -25.11
N ALA A 156 -13.51 30.70 -24.20
CA ALA A 156 -13.23 30.85 -22.78
C ALA A 156 -12.69 29.58 -22.15
N GLU A 157 -12.90 28.45 -22.81
CA GLU A 157 -12.53 27.15 -22.24
C GLU A 157 -11.14 26.69 -22.69
N ILE A 158 -10.61 27.30 -23.74
CA ILE A 158 -9.31 26.90 -24.23
C ILE A 158 -8.21 27.27 -23.24
N GLY A 159 -7.26 26.36 -23.05
CA GLY A 159 -6.15 26.60 -22.14
C GLY A 159 -5.59 25.31 -21.58
N THR A 160 -4.71 25.45 -20.59
CA THR A 160 -4.09 24.29 -19.95
C THR A 160 -4.88 23.79 -18.75
N TYR A 161 -5.19 22.50 -18.75
CA TYR A 161 -5.90 21.85 -17.65
C TYR A 161 -4.97 20.87 -16.94
N MET A 162 -5.03 20.82 -15.62
CA MET A 162 -4.10 20.01 -14.84
C MET A 162 -4.78 19.08 -13.85
N CYS A 163 -4.54 17.78 -14.00
CA CYS A 163 -4.98 16.81 -12.99
C CYS A 163 -3.90 16.62 -11.94
N THR A 164 -4.34 16.52 -10.69
CA THR A 164 -3.46 16.20 -9.58
C THR A 164 -3.98 14.95 -8.88
N ALA A 165 -3.08 14.01 -8.59
CA ALA A 165 -3.42 12.81 -7.85
C ALA A 165 -2.56 12.75 -6.60
N ASP A 166 -3.21 12.52 -5.46
CA ASP A 166 -2.52 12.51 -4.16
C ASP A 166 -3.15 11.48 -3.23
N ASN A 167 -2.34 10.55 -2.72
CA ASN A 167 -2.84 9.48 -1.86
C ASN A 167 -2.25 9.52 -0.46
N GLY A 168 -1.71 10.67 -0.07
CA GLY A 168 -1.09 10.83 1.25
C GLY A 168 0.34 10.34 1.28
N TYR A 169 0.77 9.65 0.23
CA TYR A 169 2.12 9.09 0.16
C TYR A 169 2.85 9.55 -1.09
N GLY A 170 2.52 10.75 -1.56
CA GLY A 170 3.10 11.28 -2.77
C GLY A 170 2.05 11.91 -3.65
N THR A 171 2.51 12.67 -4.63
CA THR A 171 1.64 13.45 -5.51
C THR A 171 2.20 13.38 -6.92
N ASP A 172 1.31 13.35 -7.91
CA ASP A 172 1.69 13.46 -9.31
C ASP A 172 0.70 14.39 -9.98
N TYR A 173 1.13 15.05 -11.05
CA TYR A 173 0.24 15.89 -11.83
C TYR A 173 0.44 15.64 -13.31
N GLU A 174 -0.50 16.11 -14.12
CA GLU A 174 -0.34 16.04 -15.56
C GLU A 174 -1.22 17.10 -16.21
N SER A 175 -0.60 17.89 -17.09
CA SER A 175 -1.27 19.00 -17.75
C SER A 175 -1.50 18.68 -19.22
N VAL A 176 -2.68 19.02 -19.71
CA VAL A 176 -2.98 18.88 -21.13
C VAL A 176 -3.69 20.13 -21.64
N ASP A 177 -3.45 20.48 -22.90
CA ASP A 177 -4.11 21.61 -23.52
C ASP A 177 -5.43 21.21 -24.15
N ILE A 178 -6.45 22.01 -23.90
CA ILE A 178 -7.70 21.89 -24.64
C ILE A 178 -7.85 23.11 -25.53
N THR A 179 -7.89 22.88 -26.84
CA THR A 179 -7.99 23.98 -27.81
C THR A 179 -9.19 23.77 -28.72
N MET A 180 -9.49 24.78 -29.54
CA MET A 180 -10.57 24.64 -30.52
C MET A 180 -10.06 24.00 -31.81
#